data_4XBR
#
_entry.id   4XBR
#
_cell.length_a   144.040
_cell.length_b   144.040
_cell.length_c   62.510
_cell.angle_alpha   90.00
_cell.angle_beta   90.00
_cell.angle_gamma   120.00
#
_symmetry.space_group_name_H-M   'P 63'
#
loop_
_entity.id
_entity.type
_entity.pdbx_description
1 polymer 'Protein FAM212A,Serine/threonine-protein kinase PAK 4'
2 non-polymer "ADENOSINE-5'-TRIPHOSPHATE"
3 non-polymer 'MAGNESIUM ION'
#
_entity_poly.entity_id   1
_entity_poly.type   'polypeptide(L)'
_entity_poly.pdbx_seq_one_letter_code
;MDYKDDDDKSGSEAEDWTAALLNRGRSRQPLVLGDNCFADLVHNWMELPEEFPAAPAVPGPPGPRSPQREPQRVSHEQFR
AALQLVVDPGDPRSYLDNFIKIGEGSTGIVCIATVRSSGKLVAVKKMDLRKQQRRELLFNEVVIMRDYQHENVVEMYNSY
LVGDELWVVMEFLEGGALTDIVTHTRMNEEQIAAVCLAVLQALSVLHAQGVIHRDIKSDSILLTHDGRVKLSDFGFCAQV
SKEVPRRK(SEP)LVGTPYWMAPELISRLPYGPEVDIWSLGIMVIEMVDGEPPYFNEPPLKAMKMIRDNLPPRLKNLHKV
SPSLKGFLDRLLVRDPAQRATAAELLKHPFLAKAGPPASIVPLMRQNRTR
;
_entity_poly.pdbx_strand_id   A
#
loop_
_chem_comp.id
_chem_comp.type
_chem_comp.name
_chem_comp.formula
ATP non-polymer ADENOSINE-5'-TRIPHOSPHATE 'C10 H16 N5 O13 P3'
MG non-polymer 'MAGNESIUM ION' 'Mg 2'
#
# COMPACT_ATOMS: atom_id res chain seq x y z
N LEU A 22 12.26 11.37 -14.45
CA LEU A 22 10.86 10.94 -14.16
C LEU A 22 9.85 12.07 -14.35
N ASN A 23 10.23 13.26 -13.91
CA ASN A 23 9.28 14.34 -13.60
C ASN A 23 8.24 14.78 -14.66
N ARG A 24 6.97 14.60 -14.33
CA ARG A 24 5.90 15.31 -15.00
C ARG A 24 4.96 15.87 -13.95
N GLY A 25 4.70 15.08 -12.92
CA GLY A 25 3.68 15.41 -11.95
C GLY A 25 2.40 14.63 -12.18
N ARG A 26 1.59 14.54 -11.12
CA ARG A 26 0.39 13.70 -11.10
C ARG A 26 0.72 12.21 -11.26
N SER A 27 1.94 11.84 -10.84
CA SER A 27 2.45 10.48 -11.01
C SER A 27 2.13 9.60 -9.80
N ARG A 28 1.47 8.48 -10.05
CA ARG A 28 1.10 7.55 -8.98
C ARG A 28 2.11 6.45 -8.74
N GLN A 29 3.20 6.39 -9.51
CA GLN A 29 4.05 5.20 -9.51
C GLN A 29 5.19 5.18 -8.51
N PRO A 30 5.33 4.07 -7.76
CA PRO A 30 6.24 4.03 -6.61
C PRO A 30 7.67 4.22 -7.04
N LEU A 31 8.57 4.35 -6.08
CA LEU A 31 9.97 4.55 -6.35
C LEU A 31 10.84 3.78 -5.35
N VAL A 32 11.75 3.00 -5.90
CA VAL A 32 12.40 1.93 -5.13
C VAL A 32 13.92 1.93 -5.32
N LEU A 33 14.65 2.25 -4.25
CA LEU A 33 16.11 2.30 -4.26
C LEU A 33 16.67 1.81 -2.91
N GLY A 34 17.57 2.58 -2.30
CA GLY A 34 17.90 2.36 -0.90
C GLY A 34 19.33 2.28 -0.49
N ASP A 35 19.72 3.17 0.42
CA ASP A 35 20.94 3.03 1.23
C ASP A 35 22.26 3.01 0.43
N ASN A 36 22.32 3.80 -0.64
CA ASN A 36 23.50 3.84 -1.52
C ASN A 36 23.77 5.21 -2.16
N CYS A 37 24.53 5.21 -3.24
CA CYS A 37 24.91 6.44 -3.97
C CYS A 37 23.82 6.95 -4.93
N PHE A 38 23.16 6.03 -5.64
CA PHE A 38 22.00 6.33 -6.50
C PHE A 38 20.91 7.03 -5.65
N ALA A 39 20.87 6.69 -4.36
CA ALA A 39 19.94 7.30 -3.39
C ALA A 39 20.44 8.63 -2.83
N ASP A 40 21.70 8.95 -3.09
CA ASP A 40 22.24 10.27 -2.76
C ASP A 40 22.00 11.20 -3.95
N LEU A 41 22.43 10.71 -5.13
CA LEU A 41 22.22 11.33 -6.45
C LEU A 41 20.91 12.10 -6.50
N VAL A 42 19.94 11.55 -5.80
CA VAL A 42 18.61 12.12 -5.75
C VAL A 42 18.47 13.02 -4.51
N HIS A 43 19.39 13.96 -4.35
CA HIS A 43 19.25 15.01 -3.37
C HIS A 43 18.92 16.28 -4.10
N ASN A 44 19.26 16.29 -5.38
CA ASN A 44 18.79 17.29 -6.33
C ASN A 44 18.33 16.61 -7.60
N GLN A 72 24.92 -11.58 -15.06
CA GLN A 72 23.82 -11.67 -14.07
C GLN A 72 23.55 -13.14 -13.70
N ARG A 73 23.78 -14.01 -14.68
CA ARG A 73 23.52 -15.47 -14.64
C ARG A 73 23.62 -16.16 -13.26
N VAL A 74 24.74 -15.93 -12.57
CA VAL A 74 24.99 -16.53 -11.24
C VAL A 74 23.93 -16.15 -10.20
N SER A 75 23.74 -14.84 -10.03
CA SER A 75 22.84 -14.30 -9.06
C SER A 75 21.42 -14.78 -9.30
N HIS A 76 20.97 -14.70 -10.55
CA HIS A 76 19.64 -15.12 -10.90
C HIS A 76 19.36 -16.55 -10.54
N GLU A 77 20.24 -17.46 -10.95
CA GLU A 77 20.01 -18.86 -10.70
C GLU A 77 19.93 -19.13 -9.20
N GLN A 78 20.80 -18.46 -8.44
CA GLN A 78 20.76 -18.56 -6.99
C GLN A 78 19.44 -18.03 -6.42
N PHE A 79 19.09 -16.79 -6.77
CA PHE A 79 17.80 -16.19 -6.41
C PHE A 79 16.56 -17.02 -6.83
N ARG A 80 16.55 -17.50 -8.08
CA ARG A 80 15.45 -18.33 -8.53
C ARG A 80 15.34 -19.61 -7.69
N ALA A 81 16.48 -20.25 -7.41
CA ALA A 81 16.47 -21.50 -6.64
C ALA A 81 15.93 -21.30 -5.23
N ALA A 82 16.27 -20.15 -4.65
CA ALA A 82 15.81 -19.80 -3.32
C ALA A 82 14.28 -19.64 -3.29
N LEU A 83 13.75 -18.81 -4.20
CA LEU A 83 12.30 -18.66 -4.37
C LEU A 83 11.62 -19.98 -4.54
N GLN A 84 12.17 -20.81 -5.42
CA GLN A 84 11.60 -22.10 -5.69
C GLN A 84 11.36 -22.89 -4.40
N LEU A 85 12.26 -22.72 -3.44
CA LEU A 85 12.16 -23.47 -2.19
C LEU A 85 11.10 -22.90 -1.27
N VAL A 86 10.99 -21.58 -1.30
CA VAL A 86 10.04 -20.81 -0.51
C VAL A 86 8.58 -20.96 -0.95
N VAL A 87 8.31 -20.96 -2.26
CA VAL A 87 6.92 -21.06 -2.77
C VAL A 87 6.32 -22.45 -2.68
N ASP A 88 5.04 -22.56 -3.00
CA ASP A 88 4.35 -23.85 -3.06
C ASP A 88 4.80 -24.53 -4.35
N PRO A 89 5.00 -25.86 -4.32
CA PRO A 89 5.48 -26.46 -5.56
C PRO A 89 4.28 -26.68 -6.50
N GLY A 90 4.55 -26.88 -7.78
CA GLY A 90 3.46 -27.08 -8.73
C GLY A 90 3.32 -25.98 -9.77
N ASP A 91 2.26 -26.09 -10.54
CA ASP A 91 1.96 -25.15 -11.62
C ASP A 91 0.45 -24.88 -11.57
N PRO A 92 0.06 -23.61 -11.36
CA PRO A 92 -1.36 -23.32 -11.19
C PRO A 92 -2.15 -23.48 -12.50
N ARG A 93 -1.45 -23.38 -13.63
CA ARG A 93 -2.06 -23.48 -14.96
C ARG A 93 -2.74 -24.81 -15.15
N SER A 94 -2.38 -25.76 -14.28
CA SER A 94 -2.99 -27.08 -14.26
C SER A 94 -4.38 -27.05 -13.62
N TYR A 95 -4.68 -26.05 -12.80
CA TYR A 95 -6.01 -25.98 -12.19
C TYR A 95 -6.82 -24.72 -12.53
N LEU A 96 -6.25 -23.84 -13.34
CA LEU A 96 -6.88 -22.55 -13.61
C LEU A 96 -7.11 -22.28 -15.08
N ASP A 97 -8.36 -21.93 -15.43
CA ASP A 97 -8.72 -21.53 -16.79
C ASP A 97 -8.67 -20.03 -16.95
N ASN A 98 -8.84 -19.58 -18.19
CA ASN A 98 -9.23 -18.21 -18.48
C ASN A 98 -8.39 -17.10 -17.90
N PHE A 99 -7.12 -17.07 -18.24
CA PHE A 99 -6.28 -15.97 -17.78
C PHE A 99 -6.56 -14.69 -18.55
N ILE A 100 -7.18 -13.70 -17.93
CA ILE A 100 -7.20 -12.40 -18.62
C ILE A 100 -6.55 -11.31 -17.81
N LYS A 101 -5.59 -10.63 -18.41
CA LYS A 101 -4.96 -9.48 -17.78
C LYS A 101 -6.04 -8.48 -17.39
N ILE A 102 -5.98 -7.96 -16.17
CA ILE A 102 -6.93 -6.96 -15.70
C ILE A 102 -6.25 -5.80 -15.02
N GLY A 103 -4.91 -5.80 -14.97
CA GLY A 103 -4.20 -4.76 -14.23
C GLY A 103 -2.70 -4.79 -14.29
N GLU A 104 -2.09 -3.61 -14.20
CA GLU A 104 -0.66 -3.41 -14.40
C GLU A 104 -0.09 -2.88 -13.09
N GLY A 105 1.15 -3.20 -12.80
CA GLY A 105 1.77 -2.71 -11.58
C GLY A 105 3.24 -2.38 -11.75
N SER A 106 3.82 -1.84 -10.68
CA SER A 106 5.26 -1.54 -10.63
C SER A 106 6.09 -2.80 -10.76
N THR A 107 5.59 -3.91 -10.23
CA THR A 107 6.34 -5.16 -10.18
C THR A 107 5.77 -6.26 -11.07
N GLY A 108 4.67 -6.00 -11.74
CA GLY A 108 4.10 -7.04 -12.61
C GLY A 108 2.66 -6.82 -12.99
N ILE A 109 2.05 -7.84 -13.56
CA ILE A 109 0.69 -7.70 -14.05
C ILE A 109 -0.23 -8.56 -13.21
N VAL A 110 -1.53 -8.23 -13.24
CA VAL A 110 -2.56 -9.01 -12.56
C VAL A 110 -3.60 -9.49 -13.58
N CYS A 111 -3.93 -10.78 -13.51
CA CYS A 111 -4.96 -11.35 -14.34
C CYS A 111 -6.03 -11.91 -13.43
N ILE A 112 -7.28 -11.93 -13.87
CA ILE A 112 -8.26 -12.82 -13.25
C ILE A 112 -8.11 -14.20 -13.89
N ALA A 113 -8.69 -15.20 -13.22
CA ALA A 113 -8.67 -16.59 -13.69
C ALA A 113 -9.71 -17.43 -12.96
N THR A 114 -9.98 -18.61 -13.50
CA THR A 114 -11.08 -19.42 -13.08
C THR A 114 -10.56 -20.71 -12.47
N VAL A 115 -10.99 -21.01 -11.24
CA VAL A 115 -10.80 -22.35 -10.72
C VAL A 115 -11.62 -23.25 -11.64
N ARG A 116 -10.94 -24.12 -12.37
CA ARG A 116 -11.58 -25.05 -13.31
C ARG A 116 -12.66 -25.91 -12.61
N SER A 117 -12.28 -26.58 -11.53
CA SER A 117 -13.20 -27.51 -10.88
C SER A 117 -14.45 -26.86 -10.29
N SER A 118 -14.42 -25.54 -10.04
CA SER A 118 -15.45 -24.89 -9.21
C SER A 118 -16.16 -23.69 -9.81
N GLY A 119 -15.56 -23.03 -10.80
CA GLY A 119 -16.15 -21.81 -11.32
C GLY A 119 -15.67 -20.57 -10.58
N LYS A 120 -15.25 -20.73 -9.31
CA LYS A 120 -14.71 -19.63 -8.49
C LYS A 120 -13.60 -18.77 -9.16
N LEU A 121 -13.71 -17.46 -9.00
CA LEU A 121 -12.69 -16.52 -9.53
C LEU A 121 -11.53 -16.21 -8.55
N VAL A 122 -10.34 -16.01 -9.10
CA VAL A 122 -9.16 -15.72 -8.29
C VAL A 122 -8.38 -14.69 -9.07
N ALA A 123 -7.58 -13.88 -8.39
CA ALA A 123 -6.67 -12.98 -9.10
C ALA A 123 -5.26 -13.55 -9.07
N VAL A 124 -4.50 -13.33 -10.12
CA VAL A 124 -3.16 -13.87 -10.19
C VAL A 124 -2.16 -12.80 -10.56
N LYS A 125 -1.22 -12.52 -9.66
CA LYS A 125 -0.24 -11.50 -9.90
C LYS A 125 0.99 -12.22 -10.40
N LYS A 126 1.58 -11.69 -11.48
CA LYS A 126 2.72 -12.34 -12.12
C LYS A 126 3.84 -11.35 -12.17
N MET A 127 5.00 -11.77 -11.68
CA MET A 127 6.13 -10.89 -11.51
C MET A 127 7.39 -11.52 -12.07
N ASP A 128 8.09 -10.75 -12.90
CA ASP A 128 9.27 -11.24 -13.57
C ASP A 128 10.45 -11.08 -12.65
N LEU A 129 11.28 -12.13 -12.60
CA LEU A 129 12.48 -12.14 -11.77
C LEU A 129 13.57 -11.19 -12.29
N ARG A 130 13.60 -11.03 -13.61
CA ARG A 130 14.64 -10.22 -14.25
C ARG A 130 14.22 -8.75 -14.34
N LYS A 131 12.94 -8.47 -14.12
CA LYS A 131 12.41 -7.13 -14.36
C LYS A 131 12.14 -6.31 -13.09
N GLN A 132 12.70 -6.72 -11.96
CA GLN A 132 12.45 -6.06 -10.70
C GLN A 132 13.44 -4.99 -10.37
N GLN A 133 12.93 -3.91 -9.79
CA GLN A 133 13.78 -2.82 -9.33
C GLN A 133 14.75 -3.24 -8.22
N ARG A 134 14.23 -3.93 -7.21
CA ARG A 134 15.09 -4.57 -6.20
C ARG A 134 14.61 -6.01 -5.96
N ARG A 135 15.13 -6.90 -6.78
CA ARG A 135 14.74 -8.28 -6.82
C ARG A 135 14.36 -8.90 -5.48
N GLU A 136 15.10 -8.58 -4.42
CA GLU A 136 14.90 -9.25 -3.13
C GLU A 136 13.54 -8.96 -2.49
N LEU A 137 12.92 -7.85 -2.88
CA LEU A 137 11.65 -7.45 -2.29
C LEU A 137 10.53 -8.42 -2.63
N LEU A 138 10.74 -9.16 -3.71
CA LEU A 138 9.78 -10.15 -4.13
C LEU A 138 9.46 -11.18 -3.07
N PHE A 139 10.37 -11.40 -2.12
CA PHE A 139 10.09 -12.32 -1.03
C PHE A 139 8.84 -11.89 -0.24
N ASN A 140 8.62 -10.58 -0.20
CA ASN A 140 7.48 -10.03 0.50
C ASN A 140 6.16 -10.55 -0.06
N GLU A 141 6.04 -10.55 -1.39
CA GLU A 141 4.80 -10.91 -2.06
C GLU A 141 4.34 -12.30 -1.61
N VAL A 142 5.30 -13.12 -1.19
CA VAL A 142 5.02 -14.49 -0.76
C VAL A 142 4.78 -14.58 0.74
N VAL A 143 5.74 -14.09 1.50
CA VAL A 143 5.79 -14.31 2.94
C VAL A 143 4.72 -13.55 3.74
N ILE A 144 4.61 -12.25 3.51
CA ILE A 144 3.67 -11.40 4.25
C ILE A 144 2.23 -11.89 4.24
N MET A 145 1.60 -11.87 3.06
CA MET A 145 0.18 -12.20 2.97
C MET A 145 -0.13 -13.55 3.59
N ARG A 146 0.85 -14.44 3.58
CA ARG A 146 0.74 -15.79 4.15
C ARG A 146 0.65 -15.70 5.67
N ASP A 147 1.55 -14.91 6.26
CA ASP A 147 1.73 -14.80 7.72
C ASP A 147 0.73 -13.94 8.44
N TYR A 148 -0.22 -13.34 7.72
CA TYR A 148 -1.10 -12.34 8.32
C TYR A 148 -2.56 -12.45 7.93
N GLN A 149 -3.20 -13.59 8.18
CA GLN A 149 -4.66 -13.67 7.99
C GLN A 149 -5.32 -12.61 8.84
N HIS A 150 -6.34 -11.96 8.28
CA HIS A 150 -6.98 -10.84 8.95
C HIS A 150 -8.09 -10.35 8.10
N GLU A 151 -9.17 -9.89 8.73
CA GLU A 151 -10.33 -9.37 8.00
C GLU A 151 -10.02 -8.17 7.09
N ASN A 152 -8.86 -7.53 7.28
CA ASN A 152 -8.52 -6.33 6.50
C ASN A 152 -7.24 -6.48 5.69
N VAL A 153 -6.81 -7.71 5.51
CA VAL A 153 -5.70 -8.06 4.64
C VAL A 153 -6.24 -8.96 3.53
N VAL A 154 -5.94 -8.62 2.29
CA VAL A 154 -6.27 -9.51 1.16
C VAL A 154 -5.71 -10.92 1.34
N GLU A 155 -6.56 -11.93 1.16
CA GLU A 155 -6.19 -13.32 1.35
C GLU A 155 -5.35 -13.88 0.20
N MET A 156 -4.30 -14.63 0.54
CA MET A 156 -3.47 -15.28 -0.46
C MET A 156 -3.68 -16.78 -0.42
N TYR A 157 -4.02 -17.36 -1.55
CA TYR A 157 -4.19 -18.82 -1.62
C TYR A 157 -2.90 -19.62 -1.81
N ASN A 158 -2.01 -19.17 -2.68
CA ASN A 158 -0.85 -19.97 -3.04
C ASN A 158 0.08 -19.12 -3.86
N SER A 159 1.33 -19.59 -3.96
CA SER A 159 2.37 -18.94 -4.72
C SER A 159 3.21 -20.00 -5.39
N TYR A 160 3.63 -19.70 -6.61
CA TYR A 160 4.29 -20.65 -7.46
C TYR A 160 5.38 -19.97 -8.27
N LEU A 161 6.31 -20.76 -8.74
CA LEU A 161 7.29 -20.24 -9.66
C LEU A 161 6.89 -20.74 -11.02
N VAL A 162 6.76 -19.85 -11.98
CA VAL A 162 6.41 -20.24 -13.35
C VAL A 162 7.34 -19.57 -14.34
N GLY A 163 8.15 -20.38 -15.02
CA GLY A 163 9.20 -19.83 -15.87
C GLY A 163 10.10 -18.93 -15.04
N ASP A 164 10.19 -17.67 -15.44
CA ASP A 164 10.97 -16.72 -14.67
C ASP A 164 10.06 -15.72 -13.98
N GLU A 165 8.81 -16.15 -13.82
CA GLU A 165 7.82 -15.34 -13.13
C GLU A 165 7.45 -15.97 -11.79
N LEU A 166 7.25 -15.09 -10.81
CA LEU A 166 6.59 -15.43 -9.56
C LEU A 166 5.10 -15.22 -9.76
N TRP A 167 4.28 -16.20 -9.36
CA TRP A 167 2.84 -16.07 -9.50
C TRP A 167 2.21 -16.24 -8.17
N VAL A 168 1.37 -15.29 -7.79
CA VAL A 168 0.65 -15.40 -6.54
C VAL A 168 -0.82 -15.46 -6.86
N VAL A 169 -1.47 -16.51 -6.39
CA VAL A 169 -2.91 -16.62 -6.52
C VAL A 169 -3.53 -16.09 -5.22
N MET A 170 -4.29 -15.01 -5.34
CA MET A 170 -4.94 -14.35 -4.21
C MET A 170 -6.42 -14.07 -4.46
N GLU A 171 -7.20 -13.80 -3.42
CA GLU A 171 -8.64 -13.55 -3.60
C GLU A 171 -8.87 -12.37 -4.50
N PHE A 172 -9.98 -12.40 -5.24
CA PHE A 172 -10.27 -11.34 -6.19
C PHE A 172 -11.15 -10.25 -5.56
N LEU A 173 -10.61 -9.05 -5.43
CA LEU A 173 -11.41 -8.04 -4.77
C LEU A 173 -12.27 -7.30 -5.77
N GLU A 174 -13.53 -7.74 -5.85
CA GLU A 174 -14.45 -7.32 -6.90
C GLU A 174 -14.86 -5.86 -6.80
N GLY A 175 -14.48 -5.21 -5.70
CA GLY A 175 -14.88 -3.82 -5.45
C GLY A 175 -14.00 -2.79 -6.10
N GLY A 176 -12.79 -3.16 -6.49
CA GLY A 176 -11.86 -2.20 -7.07
C GLY A 176 -11.04 -1.48 -6.04
N ALA A 177 -10.21 -0.55 -6.49
CA ALA A 177 -9.37 0.19 -5.58
C ALA A 177 -10.10 1.40 -5.03
N LEU A 178 -9.55 1.95 -3.96
CA LEU A 178 -10.11 3.15 -3.37
C LEU A 178 -9.89 4.30 -4.33
N THR A 179 -8.68 4.43 -4.86
CA THR A 179 -8.34 5.51 -5.80
C THR A 179 -9.45 5.94 -6.75
N ASP A 180 -10.06 4.96 -7.42
CA ASP A 180 -11.19 5.23 -8.28
C ASP A 180 -12.20 6.16 -7.57
N ILE A 181 -12.73 5.69 -6.44
CA ILE A 181 -13.67 6.42 -5.59
C ILE A 181 -13.19 7.82 -5.20
N VAL A 182 -12.00 7.90 -4.63
CA VAL A 182 -11.47 9.17 -4.21
C VAL A 182 -11.38 10.21 -5.36
N THR A 183 -10.96 9.78 -6.55
CA THR A 183 -10.77 10.71 -7.67
C THR A 183 -12.08 11.09 -8.37
N HIS A 184 -13.18 10.41 -8.05
CA HIS A 184 -14.45 10.67 -8.74
C HIS A 184 -15.61 10.88 -7.81
N THR A 185 -15.37 11.33 -6.57
CA THR A 185 -16.43 11.38 -5.56
C THR A 185 -16.00 12.08 -4.26
N ARG A 186 -16.97 12.38 -3.38
CA ARG A 186 -16.68 12.95 -2.05
C ARG A 186 -17.18 12.08 -0.90
N MET A 187 -16.26 11.44 -0.20
CA MET A 187 -16.68 10.63 0.93
C MET A 187 -17.10 11.55 2.06
N ASN A 188 -18.16 11.18 2.76
CA ASN A 188 -18.46 11.82 4.02
C ASN A 188 -17.69 11.17 5.19
N GLU A 189 -17.60 11.90 6.31
CA GLU A 189 -16.80 11.47 7.46
C GLU A 189 -17.13 10.04 7.91
N GLU A 190 -18.40 9.65 7.84
CA GLU A 190 -18.79 8.30 8.21
C GLU A 190 -18.03 7.27 7.37
N GLN A 191 -18.00 7.48 6.06
CA GLN A 191 -17.30 6.58 5.15
C GLN A 191 -15.77 6.67 5.31
N ILE A 192 -15.23 7.88 5.35
CA ILE A 192 -13.81 8.09 5.65
C ILE A 192 -13.40 7.34 6.93
N ALA A 193 -14.16 7.51 8.01
CA ALA A 193 -13.83 6.82 9.27
C ALA A 193 -13.81 5.30 9.07
N ALA A 194 -14.78 4.77 8.34
CA ALA A 194 -14.80 3.32 8.07
C ALA A 194 -13.53 2.87 7.35
N VAL A 195 -13.07 3.67 6.40
CA VAL A 195 -11.84 3.32 5.69
C VAL A 195 -10.61 3.30 6.61
N CYS A 196 -10.39 4.39 7.34
CA CYS A 196 -9.23 4.42 8.23
C CYS A 196 -9.24 3.28 9.22
N LEU A 197 -10.40 3.02 9.83
CA LEU A 197 -10.53 1.93 10.78
C LEU A 197 -9.97 0.62 10.23
N ALA A 198 -10.43 0.23 9.06
CA ALA A 198 -9.99 -0.99 8.41
C ALA A 198 -8.48 -0.97 8.19
N VAL A 199 -7.99 0.09 7.54
CA VAL A 199 -6.58 0.22 7.27
C VAL A 199 -5.80 0.15 8.59
N LEU A 200 -6.28 0.87 9.61
CA LEU A 200 -5.56 0.94 10.89
C LEU A 200 -5.53 -0.38 11.63
N GLN A 201 -6.61 -1.13 11.57
CA GLN A 201 -6.64 -2.49 12.12
C GLN A 201 -5.57 -3.38 11.49
N ALA A 202 -5.47 -3.34 10.16
CA ALA A 202 -4.40 -4.06 9.44
C ALA A 202 -2.99 -3.56 9.81
N LEU A 203 -2.80 -2.26 9.79
CA LEU A 203 -1.50 -1.70 10.17
C LEU A 203 -1.06 -2.00 11.60
N SER A 204 -2.03 -2.14 12.51
CA SER A 204 -1.71 -2.35 13.91
C SER A 204 -0.99 -3.69 13.99
N VAL A 205 -1.58 -4.65 13.29
CA VAL A 205 -1.08 -6.01 13.19
C VAL A 205 0.30 -6.05 12.53
N LEU A 206 0.49 -5.40 11.39
CA LEU A 206 1.81 -5.37 10.76
C LEU A 206 2.87 -4.71 11.63
N HIS A 207 2.52 -3.58 12.23
CA HIS A 207 3.45 -2.87 13.09
C HIS A 207 3.75 -3.60 14.37
N ALA A 208 2.79 -4.40 14.85
CA ALA A 208 3.04 -5.24 16.04
C ALA A 208 4.28 -6.12 15.88
N GLN A 209 4.47 -6.68 14.66
CA GLN A 209 5.67 -7.46 14.33
C GLN A 209 6.69 -6.60 13.60
N GLY A 210 6.58 -5.29 13.76
CA GLY A 210 7.55 -4.38 13.16
C GLY A 210 7.65 -4.49 11.64
N VAL A 211 6.52 -4.73 10.97
CA VAL A 211 6.51 -4.74 9.51
C VAL A 211 5.99 -3.41 8.96
N ILE A 212 6.83 -2.70 8.21
CA ILE A 212 6.49 -1.44 7.53
C ILE A 212 5.98 -1.71 6.12
N HIS A 213 4.89 -1.06 5.74
CA HIS A 213 4.24 -1.33 4.47
C HIS A 213 4.89 -0.58 3.35
N ARG A 214 5.36 0.61 3.66
CA ARG A 214 6.05 1.51 2.71
C ARG A 214 5.30 1.95 1.44
N ASP A 215 4.08 1.47 1.27
CA ASP A 215 3.26 1.95 0.16
C ASP A 215 1.78 2.15 0.53
N ILE A 216 1.53 2.99 1.53
CA ILE A 216 0.15 3.32 1.90
C ILE A 216 -0.38 4.52 1.09
N LYS A 217 -1.36 4.22 0.24
CA LYS A 217 -2.08 5.21 -0.56
C LYS A 217 -3.34 4.51 -1.08
N SER A 218 -4.26 5.27 -1.66
CA SER A 218 -5.54 4.71 -2.10
C SER A 218 -5.43 3.51 -3.06
N ASP A 219 -4.37 3.50 -3.87
CA ASP A 219 -4.17 2.44 -4.86
C ASP A 219 -3.94 1.10 -4.19
N SER A 220 -3.69 1.15 -2.87
CA SER A 220 -3.34 -0.04 -2.11
C SER A 220 -4.49 -0.57 -1.28
N ILE A 221 -5.60 0.16 -1.28
CA ILE A 221 -6.77 -0.27 -0.54
C ILE A 221 -7.80 -0.79 -1.49
N LEU A 222 -8.23 -2.02 -1.29
CA LEU A 222 -9.20 -2.60 -2.18
C LEU A 222 -10.45 -2.88 -1.42
N LEU A 223 -11.51 -3.18 -2.16
CA LEU A 223 -12.85 -3.24 -1.62
C LEU A 223 -13.56 -4.46 -2.14
N THR A 224 -14.39 -5.07 -1.29
CA THR A 224 -15.30 -6.12 -1.75
C THR A 224 -16.56 -5.44 -2.24
N HIS A 225 -17.39 -6.15 -2.99
CA HIS A 225 -18.63 -5.58 -3.52
C HIS A 225 -19.60 -5.17 -2.45
N ASP A 226 -19.45 -5.74 -1.25
CA ASP A 226 -20.38 -5.43 -0.16
C ASP A 226 -19.76 -4.45 0.85
N GLY A 227 -18.87 -3.60 0.36
CA GLY A 227 -18.37 -2.46 1.12
C GLY A 227 -17.30 -2.76 2.15
N ARG A 228 -16.78 -3.99 2.15
CA ARG A 228 -15.68 -4.33 3.05
C ARG A 228 -14.36 -3.84 2.48
N VAL A 229 -13.34 -3.70 3.32
CA VAL A 229 -12.15 -2.95 2.94
C VAL A 229 -10.91 -3.69 3.35
N LYS A 230 -10.04 -3.99 2.39
CA LYS A 230 -8.81 -4.73 2.69
C LYS A 230 -7.57 -4.00 2.21
N LEU A 231 -6.52 -4.06 3.00
CA LEU A 231 -5.19 -3.57 2.58
C LEU A 231 -4.55 -4.63 1.73
N SER A 232 -3.68 -4.22 0.79
CA SER A 232 -3.37 -5.11 -0.33
C SER A 232 -1.96 -5.15 -0.86
N ASP A 233 -1.15 -4.14 -0.63
CA ASP A 233 0.03 -4.14 -1.47
C ASP A 233 1.40 -4.38 -0.89
N PHE A 234 1.65 -5.64 -0.53
CA PHE A 234 2.79 -5.92 0.33
C PHE A 234 4.12 -6.13 -0.35
N GLY A 235 4.19 -5.83 -1.63
CA GLY A 235 5.42 -5.88 -2.37
C GLY A 235 6.64 -5.22 -1.73
N PHE A 236 6.46 -4.06 -1.10
CA PHE A 236 7.63 -3.25 -0.69
C PHE A 236 7.89 -3.16 0.79
N CYS A 237 7.30 -4.07 1.56
CA CYS A 237 7.51 -4.10 3.00
C CYS A 237 8.97 -4.21 3.38
N ALA A 238 9.27 -3.76 4.60
CA ALA A 238 10.53 -4.04 5.25
C ALA A 238 10.19 -4.48 6.67
N GLN A 239 11.17 -5.00 7.40
CA GLN A 239 10.95 -5.35 8.80
C GLN A 239 11.99 -4.73 9.73
N VAL A 240 11.52 -4.33 10.90
CA VAL A 240 12.39 -3.94 11.98
C VAL A 240 12.23 -4.89 13.15
N SER A 241 13.29 -5.02 13.93
CA SER A 241 13.27 -5.84 15.12
C SER A 241 14.24 -5.21 16.12
N LYS A 242 14.26 -5.76 17.33
CA LYS A 242 15.16 -5.34 18.40
C LYS A 242 16.59 -5.05 17.92
N GLU A 243 17.05 -5.78 16.91
CA GLU A 243 18.44 -5.68 16.45
C GLU A 243 18.59 -5.01 15.08
N VAL A 244 17.47 -4.76 14.41
CA VAL A 244 17.43 -3.80 13.28
C VAL A 244 16.34 -2.80 13.59
N PRO A 245 16.70 -1.73 14.32
CA PRO A 245 15.76 -0.76 14.87
C PRO A 245 15.00 0.03 13.80
N ARG A 246 15.70 0.44 12.74
CA ARG A 246 15.13 1.31 11.73
C ARG A 246 15.43 0.73 10.34
N ARG A 247 15.09 1.48 9.29
CA ARG A 247 15.54 1.16 7.93
C ARG A 247 15.96 2.46 7.25
N LYS A 248 16.75 2.36 6.18
CA LYS A 248 17.24 3.55 5.49
C LYS A 248 16.95 3.57 3.99
N SEP A 249 16.31 2.53 3.49
CA SEP A 249 16.05 2.42 2.05
CB SEP A 249 15.58 1.01 1.70
OG SEP A 249 16.34 0.05 2.43
C SEP A 249 15.02 3.42 1.62
O SEP A 249 14.05 3.67 2.32
P SEP A 249 15.65 -1.14 3.31
O1P SEP A 249 15.06 -2.08 2.25
O2P SEP A 249 14.64 -0.42 4.17
O3P SEP A 249 16.78 -1.67 4.17
N LEU A 250 15.24 4.03 0.46
CA LEU A 250 14.29 5.00 -0.08
C LEU A 250 13.27 4.29 -0.94
N VAL A 251 12.12 3.98 -0.33
CA VAL A 251 11.05 3.22 -0.95
C VAL A 251 9.73 3.93 -0.66
N GLY A 252 8.93 4.10 -1.71
CA GLY A 252 7.59 4.65 -1.53
C GLY A 252 7.14 5.40 -2.73
N THR A 253 5.95 5.99 -2.64
CA THR A 253 5.48 6.85 -3.71
C THR A 253 5.69 8.27 -3.24
N PRO A 254 6.46 9.05 -4.02
CA PRO A 254 6.94 10.40 -3.70
C PRO A 254 5.93 11.26 -2.91
N TYR A 255 4.75 11.52 -3.48
CA TYR A 255 3.75 12.40 -2.84
C TYR A 255 3.29 11.90 -1.46
N TRP A 256 3.39 10.59 -1.25
CA TRP A 256 3.00 9.97 0.00
C TRP A 256 4.14 9.70 0.95
N MET A 257 5.37 10.03 0.55
CA MET A 257 6.51 9.71 1.39
C MET A 257 6.59 10.59 2.61
N ALA A 258 6.79 9.96 3.77
CA ALA A 258 7.06 10.70 5.03
C ALA A 258 8.29 11.59 4.89
N PRO A 259 8.35 12.71 5.62
CA PRO A 259 9.48 13.59 5.38
C PRO A 259 10.82 13.11 5.95
N GLU A 260 10.80 12.27 6.99
CA GLU A 260 12.05 11.71 7.52
C GLU A 260 12.64 10.68 6.55
N LEU A 261 11.76 10.02 5.80
CA LEU A 261 12.17 9.08 4.78
C LEU A 261 12.83 9.81 3.61
N ILE A 262 12.27 10.96 3.24
CA ILE A 262 12.85 11.82 2.20
C ILE A 262 14.20 12.38 2.65
N SER A 263 14.31 12.75 3.92
CA SER A 263 15.55 13.29 4.46
C SER A 263 16.58 12.20 4.75
N ARG A 264 16.45 11.06 4.06
CA ARG A 264 17.38 9.93 4.19
C ARG A 264 17.81 9.65 5.63
N LEU A 265 16.90 9.76 6.58
CA LEU A 265 17.22 9.41 7.97
C LEU A 265 16.67 8.03 8.27
N PRO A 266 17.14 7.38 9.34
CA PRO A 266 16.62 6.04 9.66
C PRO A 266 15.16 6.07 10.13
N TYR A 267 14.31 5.26 9.50
CA TYR A 267 12.87 5.29 9.79
C TYR A 267 12.26 4.01 10.34
N GLY A 268 10.98 4.08 10.70
CA GLY A 268 10.30 2.95 11.33
C GLY A 268 8.84 2.83 10.89
N PRO A 269 8.06 2.00 11.59
CA PRO A 269 6.65 1.81 11.21
C PRO A 269 5.87 3.13 11.12
N GLU A 270 6.45 4.18 11.69
CA GLU A 270 5.86 5.51 11.71
C GLU A 270 5.57 6.04 10.31
N VAL A 271 6.45 5.74 9.36
CA VAL A 271 6.26 6.29 8.01
C VAL A 271 4.87 5.97 7.44
N ASP A 272 4.37 4.77 7.72
CA ASP A 272 3.07 4.34 7.24
C ASP A 272 1.95 5.28 7.69
N ILE A 273 2.08 5.76 8.92
CA ILE A 273 1.13 6.65 9.56
C ILE A 273 1.09 8.04 8.91
N TRP A 274 2.25 8.62 8.63
CA TRP A 274 2.29 9.78 7.76
C TRP A 274 1.60 9.52 6.45
N SER A 275 1.92 8.42 5.79
CA SER A 275 1.30 8.16 4.50
C SER A 275 -0.22 8.08 4.64
N LEU A 276 -0.69 7.51 5.75
CA LEU A 276 -2.12 7.40 5.97
C LEU A 276 -2.77 8.78 6.04
N GLY A 277 -2.09 9.68 6.75
CA GLY A 277 -2.47 11.09 6.78
C GLY A 277 -2.70 11.58 5.37
N ILE A 278 -1.74 11.29 4.49
CA ILE A 278 -1.83 11.78 3.14
C ILE A 278 -3.03 11.17 2.45
N MET A 279 -3.30 9.91 2.75
CA MET A 279 -4.45 9.25 2.15
C MET A 279 -5.75 9.89 2.59
N VAL A 280 -5.77 10.38 3.84
CA VAL A 280 -6.94 11.13 4.35
C VAL A 280 -7.16 12.38 3.49
N ILE A 281 -6.08 13.12 3.28
CA ILE A 281 -6.13 14.24 2.35
C ILE A 281 -6.72 13.85 0.98
N GLU A 282 -6.38 12.67 0.46
CA GLU A 282 -7.00 12.22 -0.78
C GLU A 282 -8.49 12.15 -0.62
N MET A 283 -8.94 11.42 0.40
CA MET A 283 -10.38 11.14 0.59
C MET A 283 -11.22 12.41 0.73
N VAL A 284 -10.64 13.40 1.39
CA VAL A 284 -11.24 14.71 1.50
C VAL A 284 -11.06 15.59 0.26
N ASP A 285 -9.81 15.94 -0.06
CA ASP A 285 -9.49 16.88 -1.15
C ASP A 285 -9.32 16.30 -2.56
N GLY A 286 -9.25 14.97 -2.69
CA GLY A 286 -9.25 14.30 -4.02
C GLY A 286 -7.91 13.88 -4.61
N GLU A 287 -6.83 14.45 -4.10
CA GLU A 287 -5.49 14.16 -4.56
C GLU A 287 -4.54 14.54 -3.43
N PRO A 288 -3.29 14.03 -3.44
CA PRO A 288 -2.38 14.40 -2.35
C PRO A 288 -1.90 15.84 -2.50
N PRO A 289 -1.19 16.37 -1.48
CA PRO A 289 -0.61 17.70 -1.60
C PRO A 289 0.43 17.75 -2.71
N TYR A 290 0.67 18.94 -3.26
CA TYR A 290 1.65 19.15 -4.33
C TYR A 290 1.57 18.13 -5.46
N PHE A 291 0.39 17.57 -5.72
CA PHE A 291 0.25 16.50 -6.71
C PHE A 291 0.63 16.98 -8.11
N ASN A 292 0.30 18.24 -8.40
CA ASN A 292 0.53 18.80 -9.71
C ASN A 292 1.99 19.13 -10.02
N GLU A 293 2.80 19.27 -8.99
CA GLU A 293 4.25 19.43 -9.13
C GLU A 293 4.88 18.10 -9.51
N PRO A 294 6.06 18.13 -10.16
CA PRO A 294 6.85 16.94 -10.42
C PRO A 294 7.30 16.28 -9.13
N PRO A 295 7.36 14.93 -9.12
CA PRO A 295 7.67 14.15 -7.92
C PRO A 295 8.87 14.71 -7.16
N LEU A 296 9.95 15.04 -7.87
CA LEU A 296 11.15 15.53 -7.20
C LEU A 296 10.96 16.90 -6.57
N LYS A 297 10.14 17.74 -7.21
CA LYS A 297 9.88 19.06 -6.66
C LYS A 297 8.98 18.92 -5.45
N ALA A 298 8.02 18.00 -5.56
CA ALA A 298 7.07 17.71 -4.49
C ALA A 298 7.78 17.24 -3.22
N MET A 299 8.73 16.31 -3.38
CA MET A 299 9.49 15.76 -2.25
C MET A 299 10.22 16.89 -1.52
N LYS A 300 10.90 17.73 -2.30
CA LYS A 300 11.68 18.83 -1.76
C LYS A 300 10.77 19.62 -0.82
N MET A 301 9.60 19.99 -1.33
CA MET A 301 8.60 20.75 -0.57
C MET A 301 8.16 20.00 0.69
N ILE A 302 7.97 18.69 0.59
CA ILE A 302 7.55 17.90 1.75
C ILE A 302 8.60 17.90 2.84
N ARG A 303 9.87 17.82 2.45
CA ARG A 303 10.96 17.87 3.43
C ARG A 303 10.99 19.21 4.15
N ASP A 304 10.82 20.28 3.38
CA ASP A 304 11.09 21.64 3.85
C ASP A 304 9.93 22.31 4.60
N ASN A 305 8.70 22.14 4.10
CA ASN A 305 7.52 22.81 4.64
C ASN A 305 6.94 22.25 5.93
N LEU A 306 5.96 22.96 6.47
CA LEU A 306 5.18 22.49 7.60
C LEU A 306 4.17 21.47 7.09
N PRO A 307 3.75 20.53 7.98
CA PRO A 307 2.77 19.50 7.60
C PRO A 307 1.60 20.12 6.84
N PRO A 308 1.15 19.48 5.74
CA PRO A 308 0.06 20.06 4.92
C PRO A 308 -1.29 20.09 5.62
N ARG A 309 -2.05 21.14 5.36
CA ARG A 309 -3.39 21.27 5.90
C ARG A 309 -4.40 21.10 4.78
N LEU A 310 -5.62 20.72 5.14
CA LEU A 310 -6.71 20.57 4.18
C LEU A 310 -7.06 21.91 3.55
N LYS A 311 -7.50 21.88 2.29
CA LYS A 311 -7.95 23.10 1.60
C LYS A 311 -8.90 23.87 2.49
N ASN A 312 -10.06 23.29 2.78
CA ASN A 312 -11.14 24.02 3.40
C ASN A 312 -11.70 23.46 4.72
N LEU A 313 -11.20 23.97 5.83
CA LEU A 313 -11.60 23.50 7.16
C LEU A 313 -13.00 23.91 7.60
N HIS A 314 -13.77 24.56 6.74
CA HIS A 314 -15.10 25.08 7.12
C HIS A 314 -16.10 24.00 7.49
N LYS A 315 -16.06 22.90 6.75
CA LYS A 315 -17.07 21.87 6.88
C LYS A 315 -16.59 20.58 7.55
N VAL A 316 -15.30 20.50 7.84
CA VAL A 316 -14.76 19.30 8.47
C VAL A 316 -14.91 19.35 10.00
N SER A 317 -15.32 18.22 10.59
CA SER A 317 -15.53 18.18 12.03
C SER A 317 -14.22 18.41 12.77
N PRO A 318 -14.29 18.99 13.97
CA PRO A 318 -13.06 19.06 14.75
C PRO A 318 -12.51 17.67 15.08
N SER A 319 -13.39 16.68 15.14
CA SER A 319 -13.00 15.31 15.42
C SER A 319 -12.03 14.80 14.36
N LEU A 320 -12.43 14.91 13.09
CA LEU A 320 -11.52 14.58 11.99
C LEU A 320 -10.28 15.48 11.92
N LYS A 321 -10.45 16.80 12.06
CA LYS A 321 -9.30 17.69 12.08
C LYS A 321 -8.27 17.22 13.10
N GLY A 322 -8.74 16.88 14.31
CA GLY A 322 -7.86 16.48 15.40
C GLY A 322 -7.15 15.17 15.16
N PHE A 323 -7.85 14.28 14.46
CA PHE A 323 -7.34 13.01 13.98
C PHE A 323 -6.13 13.21 13.10
N LEU A 324 -6.30 14.03 12.06
CA LEU A 324 -5.28 14.24 11.06
C LEU A 324 -4.05 14.91 11.63
N ASP A 325 -4.24 15.72 12.67
CA ASP A 325 -3.10 16.36 13.34
C ASP A 325 -2.27 15.32 14.04
N ARG A 326 -2.87 14.17 14.32
CA ARG A 326 -2.15 13.08 14.96
C ARG A 326 -1.39 12.23 13.95
N LEU A 327 -1.74 12.38 12.67
CA LEU A 327 -1.08 11.64 11.62
C LEU A 327 0.09 12.41 11.06
N LEU A 328 -0.17 13.59 10.50
CA LEU A 328 0.84 14.37 9.78
C LEU A 328 1.67 15.21 10.74
N VAL A 329 2.54 14.55 11.49
CA VAL A 329 3.41 15.18 12.47
C VAL A 329 4.81 14.94 11.96
N ARG A 330 5.55 16.02 11.65
CA ARG A 330 6.92 15.88 11.11
C ARG A 330 7.83 15.00 11.97
N ASP A 331 7.91 15.32 13.26
CA ASP A 331 8.70 14.51 14.18
C ASP A 331 7.99 13.17 14.43
N PRO A 332 8.57 12.06 13.95
CA PRO A 332 8.01 10.73 14.16
C PRO A 332 7.75 10.37 15.62
N ALA A 333 8.69 10.71 16.51
CA ALA A 333 8.54 10.32 17.93
C ALA A 333 7.27 10.90 18.51
N GLN A 334 6.80 12.02 17.95
CA GLN A 334 5.57 12.68 18.38
C GLN A 334 4.32 12.08 17.72
N ARG A 335 4.44 11.83 16.42
CA ARG A 335 3.44 11.17 15.60
C ARG A 335 2.88 9.88 16.20
N ALA A 336 1.58 9.65 16.03
CA ALA A 336 0.83 8.61 16.73
C ALA A 336 1.04 7.20 16.17
N THR A 337 0.98 6.22 17.06
CA THR A 337 1.01 4.84 16.64
C THR A 337 -0.39 4.35 16.24
N ALA A 338 -0.45 3.40 15.32
CA ALA A 338 -1.70 2.75 14.92
C ALA A 338 -2.43 2.17 16.13
N ALA A 339 -1.66 1.68 17.10
CA ALA A 339 -2.24 1.20 18.33
C ALA A 339 -3.07 2.30 18.99
N GLU A 340 -2.45 3.46 19.20
CA GLU A 340 -3.07 4.63 19.81
C GLU A 340 -4.25 5.10 18.98
N LEU A 341 -4.02 5.28 17.68
CA LEU A 341 -5.03 5.80 16.77
C LEU A 341 -6.31 4.99 16.75
N LEU A 342 -6.22 3.68 16.97
CA LEU A 342 -7.40 2.83 16.94
C LEU A 342 -8.43 3.23 17.99
N LYS A 343 -7.96 3.98 18.99
CA LYS A 343 -8.78 4.42 20.10
C LYS A 343 -9.30 5.85 19.94
N HIS A 344 -8.90 6.53 18.86
CA HIS A 344 -9.29 7.92 18.64
C HIS A 344 -10.77 8.10 18.41
N PRO A 345 -11.40 9.06 19.11
CA PRO A 345 -12.85 9.28 19.00
C PRO A 345 -13.35 9.24 17.57
N PHE A 346 -12.59 9.80 16.62
CA PHE A 346 -13.05 9.91 15.25
C PHE A 346 -13.57 8.57 14.70
N LEU A 347 -12.83 7.49 14.93
CA LEU A 347 -13.16 6.16 14.35
C LEU A 347 -14.48 5.56 14.82
N ALA A 348 -14.99 6.06 15.94
CA ALA A 348 -16.32 5.70 16.40
C ALA A 348 -17.37 6.23 15.44
N LYS A 349 -16.95 7.08 14.50
CA LYS A 349 -17.87 7.59 13.49
C LYS A 349 -18.09 6.56 12.41
N ALA A 350 -17.20 5.58 12.35
CA ALA A 350 -17.13 4.64 11.23
C ALA A 350 -18.45 3.95 10.95
N GLY A 351 -19.01 4.19 9.76
CA GLY A 351 -20.21 3.50 9.31
C GLY A 351 -20.00 2.03 8.96
N PRO A 352 -21.10 1.26 8.86
CA PRO A 352 -20.99 -0.15 8.51
C PRO A 352 -20.52 -0.32 7.05
N PRO A 353 -20.20 -1.57 6.63
CA PRO A 353 -19.93 -1.83 5.22
C PRO A 353 -20.98 -1.26 4.27
N ALA A 354 -22.25 -1.46 4.58
CA ALA A 354 -23.35 -0.95 3.75
C ALA A 354 -23.21 0.52 3.33
N SER A 355 -22.49 1.31 4.12
CA SER A 355 -22.39 2.73 3.86
C SER A 355 -21.25 3.05 2.89
N ILE A 356 -20.51 2.03 2.50
CA ILE A 356 -19.44 2.16 1.50
C ILE A 356 -19.99 1.78 0.11
N VAL A 357 -20.91 0.83 0.11
CA VAL A 357 -21.51 0.34 -1.12
C VAL A 357 -21.85 1.45 -2.16
N PRO A 358 -22.51 2.57 -1.73
CA PRO A 358 -22.94 3.54 -2.74
C PRO A 358 -21.79 4.26 -3.43
N LEU A 359 -20.61 4.25 -2.83
CA LEU A 359 -19.43 4.89 -3.43
C LEU A 359 -18.84 4.16 -4.66
N MET A 360 -19.14 2.88 -4.80
CA MET A 360 -18.51 2.08 -5.83
C MET A 360 -19.09 2.33 -7.23
N ARG A 361 -18.21 2.34 -8.24
CA ARG A 361 -18.56 2.64 -9.64
C ARG A 361 -19.89 2.05 -10.09
N GLN A 362 -20.17 0.81 -9.73
CA GLN A 362 -21.42 0.16 -10.16
C GLN A 362 -22.66 0.94 -9.73
N ASN A 363 -22.55 1.70 -8.65
CA ASN A 363 -23.68 2.36 -8.00
C ASN A 363 -23.66 3.89 -8.09
N ARG A 364 -22.70 4.44 -8.81
CA ARG A 364 -22.65 5.87 -9.07
C ARG A 364 -23.44 6.19 -10.33
PG ATP B . 3.63 -3.43 -5.04
O1G ATP B . 3.15 -2.00 -4.78
O2G ATP B . 2.82 -4.53 -4.41
O3G ATP B . 5.08 -3.64 -4.70
PB ATP B . 2.35 -3.64 -7.77
O1B ATP B . 2.09 -2.18 -8.10
O2B ATP B . 2.75 -4.56 -8.90
O3B ATP B . 3.56 -3.68 -6.67
PA ATP B . -0.56 -4.19 -7.20
O1A ATP B . -1.07 -2.93 -6.51
O2A ATP B . -1.17 -5.51 -6.76
O3A ATP B . 1.07 -4.34 -7.03
O5' ATP B . -0.85 -3.98 -8.77
C5' ATP B . -1.94 -4.67 -9.37
C4' ATP B . -3.15 -3.81 -9.75
O4' ATP B . -4.25 -4.69 -10.07
C3' ATP B . -3.63 -2.90 -8.64
O3' ATP B . -3.49 -1.53 -9.05
C2' ATP B . -5.09 -3.27 -8.38
O2' ATP B . -5.98 -2.25 -8.84
C1' ATP B . -5.33 -4.58 -9.14
N9 ATP B . -5.37 -5.74 -8.22
C8 ATP B . -4.32 -6.30 -7.55
N7 ATP B . -4.68 -7.34 -6.76
C5 ATP B . -6.03 -7.46 -6.91
C6 ATP B . -7.06 -8.35 -6.34
N6 ATP B . -6.70 -9.33 -5.49
N1 ATP B . -8.35 -8.15 -6.74
C2 ATP B . -8.68 -7.17 -7.61
N3 ATP B . -7.79 -6.31 -8.16
C4 ATP B . -6.48 -6.41 -7.85
MG MG C . 2.46 -0.82 -7.57
MG MG D . -0.47 -1.07 -5.71
#